data_1U3F
#
_entry.id   1U3F
#
_cell.length_a   45.135
_cell.length_b   74.369
_cell.length_c   110.614
_cell.angle_alpha   90.00
_cell.angle_beta   90.00
_cell.angle_gamma   90.00
#
_symmetry.space_group_name_H-M   'P 21 21 21'
#
loop_
_entity.id
_entity.type
_entity.pdbx_description
1 polymer '5,10-Methenyltetrahydrofolate Synthetase'
2 non-polymer 'PHOSPHATE ION'
3 non-polymer 'MAGNESIUM ION'
4 non-polymer "ADENOSINE-5'-DIPHOSPHATE"
5 water water
#
_entity_poly.entity_id   1
_entity_poly.type   'polypeptide(L)'
_entity_poly.pdbx_seq_one_letter_code
;MGSSHHHHHHDYDIPTTENLYFQGHMDKNALRKQILQKRMALSTIEKSHLDQKINQKLVAFLTPKPCIKTIALYEPIKNE
VTFVDFFFEFLKINQIRAVYPKVISDTEIIFIDQETNTFEPNQIDCFLIPLVGFNKDNYRLGFGKGYYDRYLMQLTRQQP
KIGIAYSFQKGDFLADPWDVQLDLIINDE
;
_entity_poly.pdbx_strand_id   A,B
#
loop_
_chem_comp.id
_chem_comp.type
_chem_comp.name
_chem_comp.formula
ADP non-polymer ADENOSINE-5'-DIPHOSPHATE 'C10 H15 N5 O10 P2'
MG non-polymer 'MAGNESIUM ION' 'Mg 2'
PO4 non-polymer 'PHOSPHATE ION' 'O4 P -3'
#
# COMPACT_ATOMS: atom_id res chain seq x y z
N MET A 26 -2.79 -1.42 -38.32
CA MET A 26 -1.42 -1.11 -37.80
C MET A 26 -1.39 0.23 -37.08
N ASP A 27 -1.84 1.27 -37.77
CA ASP A 27 -1.87 2.61 -37.19
C ASP A 27 -2.87 2.64 -36.06
N LYS A 28 -2.50 3.26 -34.95
CA LYS A 28 -3.39 3.34 -33.79
C LYS A 28 -4.79 3.83 -34.16
N ASN A 29 -4.87 5.06 -34.67
CA ASN A 29 -6.16 5.64 -35.04
C ASN A 29 -7.03 4.70 -35.86
N ALA A 30 -6.44 4.09 -36.89
CA ALA A 30 -7.14 3.17 -37.77
C ALA A 30 -7.62 1.93 -37.02
N LEU A 31 -6.74 1.38 -36.19
CA LEU A 31 -7.06 0.20 -35.41
C LEU A 31 -8.21 0.48 -34.44
N ARG A 32 -8.23 1.69 -33.87
CA ARG A 32 -9.29 2.07 -32.94
C ARG A 32 -10.62 1.87 -33.65
N LYS A 33 -10.78 2.57 -34.76
CA LYS A 33 -11.98 2.53 -35.58
C LYS A 33 -12.45 1.09 -35.89
N GLN A 34 -11.51 0.24 -36.27
CA GLN A 34 -11.82 -1.15 -36.59
C GLN A 34 -12.52 -1.84 -35.43
N ILE A 35 -11.74 -2.13 -34.40
CA ILE A 35 -12.20 -2.80 -33.20
C ILE A 35 -13.47 -2.14 -32.67
N LEU A 36 -13.46 -0.81 -32.65
CA LEU A 36 -14.61 -0.06 -32.18
C LEU A 36 -15.89 -0.47 -32.87
N GLN A 37 -15.84 -0.67 -34.19
CA GLN A 37 -17.02 -1.06 -34.94
C GLN A 37 -17.45 -2.48 -34.62
N LYS A 38 -16.47 -3.34 -34.40
CA LYS A 38 -16.75 -4.73 -34.08
C LYS A 38 -17.46 -4.89 -32.75
N ARG A 39 -16.96 -4.18 -31.73
CA ARG A 39 -17.51 -4.24 -30.38
C ARG A 39 -18.95 -3.72 -30.31
N MET A 40 -19.31 -2.81 -31.21
CA MET A 40 -20.65 -2.25 -31.25
C MET A 40 -21.62 -3.15 -32.01
N ALA A 41 -21.13 -4.34 -32.38
CA ALA A 41 -21.93 -5.31 -33.11
C ALA A 41 -22.32 -6.48 -32.23
N LEU A 42 -21.63 -6.63 -31.10
CA LEU A 42 -21.91 -7.71 -30.18
C LEU A 42 -23.37 -7.82 -29.78
N SER A 43 -23.88 -9.05 -29.76
CA SER A 43 -25.26 -9.29 -29.36
C SER A 43 -25.40 -9.02 -27.87
N THR A 44 -26.59 -8.61 -27.45
CA THR A 44 -26.83 -8.32 -26.05
C THR A 44 -26.63 -9.60 -25.23
N ILE A 45 -26.96 -10.73 -25.84
CA ILE A 45 -26.83 -12.03 -25.18
C ILE A 45 -25.39 -12.53 -25.28
N GLU A 46 -24.80 -12.36 -26.46
CA GLU A 46 -23.43 -12.76 -26.70
C GLU A 46 -22.50 -12.02 -25.74
N LYS A 47 -22.70 -10.71 -25.63
CA LYS A 47 -21.89 -9.88 -24.75
C LYS A 47 -22.03 -10.26 -23.29
N SER A 48 -23.26 -10.54 -22.86
CA SER A 48 -23.51 -10.90 -21.48
C SER A 48 -22.85 -12.22 -21.11
N HIS A 49 -22.64 -13.07 -22.11
CA HIS A 49 -22.02 -14.35 -21.86
C HIS A 49 -20.50 -14.16 -21.79
N LEU A 50 -19.98 -13.38 -22.73
CA LEU A 50 -18.55 -13.07 -22.75
C LEU A 50 -18.16 -12.42 -21.44
N ASP A 51 -19.00 -11.52 -20.94
CA ASP A 51 -18.75 -10.84 -19.69
C ASP A 51 -18.76 -11.79 -18.51
N GLN A 52 -19.58 -12.83 -18.59
CA GLN A 52 -19.69 -13.82 -17.52
C GLN A 52 -18.39 -14.61 -17.42
N LYS A 53 -17.85 -15.03 -18.55
CA LYS A 53 -16.60 -15.77 -18.57
C LYS A 53 -15.49 -14.91 -17.96
N ILE A 54 -15.40 -13.67 -18.45
CA ILE A 54 -14.38 -12.73 -17.98
C ILE A 54 -14.48 -12.38 -16.49
N ASN A 55 -15.68 -12.10 -16.02
CA ASN A 55 -15.84 -11.77 -14.59
C ASN A 55 -15.45 -12.95 -13.72
N GLN A 56 -15.74 -14.16 -14.20
CA GLN A 56 -15.40 -15.36 -13.44
C GLN A 56 -13.89 -15.42 -13.25
N LYS A 57 -13.16 -15.12 -14.32
CA LYS A 57 -11.69 -15.10 -14.26
C LYS A 57 -11.21 -14.05 -13.24
N LEU A 58 -11.81 -12.86 -13.26
CA LEU A 58 -11.43 -11.81 -12.32
C LEU A 58 -11.50 -12.36 -10.91
N VAL A 59 -12.64 -12.94 -10.56
CA VAL A 59 -12.82 -13.54 -9.24
C VAL A 59 -11.71 -14.57 -9.00
N ALA A 60 -11.44 -15.39 -10.00
CA ALA A 60 -10.41 -16.42 -9.90
C ALA A 60 -9.05 -15.75 -9.65
N PHE A 61 -8.80 -14.64 -10.33
CA PHE A 61 -7.55 -13.92 -10.18
C PHE A 61 -7.34 -13.32 -8.79
N LEU A 62 -8.38 -12.72 -8.23
CA LEU A 62 -8.28 -12.08 -6.93
C LEU A 62 -8.33 -12.98 -5.71
N THR A 63 -8.90 -14.16 -5.85
CA THR A 63 -9.02 -15.07 -4.70
C THR A 63 -7.71 -15.32 -3.95
N PRO A 64 -6.66 -15.73 -4.65
CA PRO A 64 -5.38 -15.99 -3.98
C PRO A 64 -4.49 -14.73 -3.77
N LYS A 65 -5.11 -13.56 -3.72
CA LYS A 65 -4.39 -12.31 -3.52
C LYS A 65 -5.13 -11.45 -2.49
N PRO A 66 -5.02 -11.82 -1.21
CA PRO A 66 -5.67 -11.09 -0.11
C PRO A 66 -5.06 -9.76 0.26
N CYS A 67 -3.94 -9.40 -0.35
CA CYS A 67 -3.33 -8.13 -0.01
C CYS A 67 -3.92 -7.02 -0.86
N ILE A 68 -4.79 -7.40 -1.79
CA ILE A 68 -5.46 -6.43 -2.64
C ILE A 68 -6.72 -6.01 -1.88
N LYS A 69 -6.66 -4.84 -1.26
CA LYS A 69 -7.78 -4.35 -0.48
C LYS A 69 -8.48 -3.17 -1.12
N THR A 70 -7.77 -2.45 -1.99
CA THR A 70 -8.34 -1.30 -2.71
C THR A 70 -8.05 -1.57 -4.19
N ILE A 71 -9.09 -1.58 -5.01
CA ILE A 71 -8.95 -1.89 -6.42
C ILE A 71 -9.63 -0.88 -7.36
N ALA A 72 -8.94 -0.53 -8.44
CA ALA A 72 -9.48 0.42 -9.41
C ALA A 72 -10.29 -0.29 -10.49
N LEU A 73 -11.50 0.19 -10.69
CA LEU A 73 -12.40 -0.35 -11.70
C LEU A 73 -12.68 0.80 -12.66
N TYR A 74 -13.76 0.69 -13.41
CA TYR A 74 -14.16 1.73 -14.33
C TYR A 74 -15.63 1.57 -14.66
N GLU A 75 -16.25 2.62 -15.17
CA GLU A 75 -17.66 2.56 -15.52
C GLU A 75 -17.86 2.31 -17.00
N PRO A 76 -18.23 1.07 -17.35
CA PRO A 76 -18.47 0.62 -18.73
C PRO A 76 -19.19 1.68 -19.54
N ILE A 77 -18.65 2.02 -20.70
CA ILE A 77 -19.26 3.04 -21.54
C ILE A 77 -19.68 2.59 -22.93
N LYS A 78 -18.79 2.68 -23.91
CA LYS A 78 -19.11 2.28 -25.28
C LYS A 78 -19.06 0.78 -25.54
N ASN A 79 -19.90 0.02 -24.82
CA ASN A 79 -19.94 -1.42 -24.98
C ASN A 79 -18.67 -2.11 -24.49
N GLU A 80 -18.08 -1.55 -23.43
CA GLU A 80 -16.87 -2.12 -22.86
C GLU A 80 -17.29 -3.30 -21.99
N VAL A 81 -16.32 -4.13 -21.60
CA VAL A 81 -16.61 -5.28 -20.76
C VAL A 81 -17.30 -4.75 -19.51
N THR A 82 -18.35 -5.44 -19.09
CA THR A 82 -19.08 -5.00 -17.92
C THR A 82 -18.74 -5.79 -16.68
N PHE A 83 -18.70 -5.12 -15.54
CA PHE A 83 -18.45 -5.79 -14.27
C PHE A 83 -19.86 -6.17 -13.84
N VAL A 84 -20.06 -7.46 -13.60
CA VAL A 84 -21.36 -7.97 -13.23
C VAL A 84 -21.60 -8.07 -11.72
N ASP A 85 -22.83 -8.38 -11.34
CA ASP A 85 -23.24 -8.49 -9.94
C ASP A 85 -22.43 -9.40 -9.01
N PHE A 86 -22.18 -10.64 -9.44
CA PHE A 86 -21.43 -11.56 -8.58
C PHE A 86 -19.98 -11.16 -8.38
N PHE A 87 -19.51 -10.23 -9.20
CA PHE A 87 -18.15 -9.75 -9.06
C PHE A 87 -18.14 -8.72 -7.94
N PHE A 88 -19.12 -7.82 -7.96
CA PHE A 88 -19.23 -6.79 -6.92
C PHE A 88 -19.56 -7.40 -5.56
N GLU A 89 -20.15 -8.60 -5.56
CA GLU A 89 -20.49 -9.28 -4.32
C GLU A 89 -19.20 -9.87 -3.76
N PHE A 90 -18.35 -10.36 -4.64
CA PHE A 90 -17.08 -10.92 -4.22
C PHE A 90 -16.30 -9.84 -3.49
N LEU A 91 -16.21 -8.65 -4.08
CA LEU A 91 -15.49 -7.54 -3.47
C LEU A 91 -16.13 -7.18 -2.14
N LYS A 92 -17.45 -7.07 -2.13
CA LYS A 92 -18.18 -6.70 -0.92
C LYS A 92 -17.91 -7.66 0.24
N ILE A 93 -17.95 -8.96 -0.04
CA ILE A 93 -17.73 -9.97 0.99
C ILE A 93 -16.28 -10.13 1.45
N ASN A 94 -15.32 -9.68 0.65
CA ASN A 94 -13.92 -9.77 1.05
C ASN A 94 -13.38 -8.43 1.49
N GLN A 95 -14.30 -7.46 1.59
CA GLN A 95 -13.95 -6.13 2.05
C GLN A 95 -12.86 -5.46 1.21
N ILE A 96 -13.05 -5.51 -0.11
CA ILE A 96 -12.13 -4.90 -1.05
C ILE A 96 -12.81 -3.64 -1.57
N ARG A 97 -12.21 -2.49 -1.29
CA ARG A 97 -12.77 -1.21 -1.71
C ARG A 97 -12.56 -0.90 -3.19
N ALA A 98 -13.61 -0.43 -3.85
CA ALA A 98 -13.53 -0.10 -5.27
C ALA A 98 -13.44 1.40 -5.47
N VAL A 99 -12.55 1.82 -6.36
CA VAL A 99 -12.37 3.24 -6.66
C VAL A 99 -12.56 3.42 -8.16
N TYR A 100 -13.11 4.57 -8.55
CA TYR A 100 -13.38 4.85 -9.96
C TYR A 100 -12.66 6.09 -10.48
N PRO A 101 -12.38 6.12 -11.79
CA PRO A 101 -11.68 7.29 -12.34
C PRO A 101 -12.59 8.49 -12.58
N LYS A 102 -12.01 9.68 -12.43
CA LYS A 102 -12.68 10.94 -12.66
C LYS A 102 -11.65 11.85 -13.33
N VAL A 103 -12.08 12.56 -14.35
CA VAL A 103 -11.17 13.45 -15.05
C VAL A 103 -11.21 14.85 -14.42
N ILE A 104 -10.06 15.51 -14.41
CA ILE A 104 -9.96 16.86 -13.85
C ILE A 104 -9.44 17.84 -14.87
N SER A 105 -8.70 17.32 -15.85
CA SER A 105 -8.17 18.14 -16.93
C SER A 105 -8.20 17.25 -18.18
N ASP A 106 -7.78 17.78 -19.31
CA ASP A 106 -7.78 17.02 -20.54
C ASP A 106 -6.66 15.99 -20.54
N THR A 107 -5.92 15.93 -19.45
CA THR A 107 -4.79 15.00 -19.35
C THR A 107 -4.71 14.24 -18.04
N GLU A 108 -5.39 14.74 -17.01
CA GLU A 108 -5.33 14.12 -15.69
C GLU A 108 -6.57 13.39 -15.26
N ILE A 109 -6.36 12.29 -14.56
CA ILE A 109 -7.45 11.49 -14.05
C ILE A 109 -7.11 11.12 -12.61
N ILE A 110 -8.12 11.04 -11.76
CA ILE A 110 -7.90 10.67 -10.35
C ILE A 110 -8.92 9.61 -9.97
N PHE A 111 -8.69 8.94 -8.85
CA PHE A 111 -9.61 7.89 -8.41
C PHE A 111 -10.26 8.20 -7.06
N ILE A 112 -11.53 7.87 -6.96
CA ILE A 112 -12.30 8.11 -5.72
C ILE A 112 -13.21 6.93 -5.35
N ASP A 113 -13.54 6.81 -4.08
CA ASP A 113 -14.42 5.74 -3.64
C ASP A 113 -15.87 6.23 -3.68
N GLN A 114 -16.81 5.35 -3.34
CA GLN A 114 -18.22 5.72 -3.37
C GLN A 114 -18.51 7.05 -2.64
N GLU A 115 -17.89 7.25 -1.49
CA GLU A 115 -18.10 8.48 -0.71
C GLU A 115 -17.27 9.66 -1.24
N THR A 116 -16.93 9.62 -2.53
CA THR A 116 -16.16 10.67 -3.19
C THR A 116 -14.78 10.99 -2.62
N ASN A 117 -14.28 10.13 -1.74
CA ASN A 117 -12.96 10.34 -1.15
C ASN A 117 -11.90 9.97 -2.19
N THR A 118 -10.95 10.87 -2.39
CA THR A 118 -9.89 10.66 -3.35
C THR A 118 -8.74 9.78 -2.84
N PHE A 119 -8.40 8.76 -3.63
CA PHE A 119 -7.33 7.84 -3.30
C PHE A 119 -6.10 8.07 -4.15
N GLU A 120 -4.96 8.32 -3.53
CA GLU A 120 -3.71 8.54 -4.25
C GLU A 120 -3.27 7.25 -4.96
N PRO A 121 -2.47 7.36 -6.03
CA PRO A 121 -1.98 6.21 -6.79
C PRO A 121 -1.55 5.00 -5.96
N ASN A 122 -0.73 5.24 -4.95
CA ASN A 122 -0.24 4.16 -4.11
C ASN A 122 -1.10 3.75 -2.93
N GLN A 123 -2.38 4.12 -2.97
CA GLN A 123 -3.33 3.74 -1.93
C GLN A 123 -4.17 2.66 -2.60
N ILE A 124 -3.90 2.46 -3.89
CA ILE A 124 -4.61 1.47 -4.68
C ILE A 124 -3.68 0.28 -4.88
N ASP A 125 -4.23 -0.92 -4.78
CA ASP A 125 -3.43 -2.13 -4.90
C ASP A 125 -3.50 -2.84 -6.25
N CYS A 126 -4.51 -2.53 -7.05
CA CYS A 126 -4.66 -3.22 -8.31
C CYS A 126 -5.50 -2.38 -9.27
N PHE A 127 -5.19 -2.48 -10.56
CA PHE A 127 -5.91 -1.70 -11.55
C PHE A 127 -6.54 -2.51 -12.69
N LEU A 128 -7.86 -2.45 -12.80
CA LEU A 128 -8.55 -3.13 -13.89
C LEU A 128 -8.83 -1.99 -14.86
N ILE A 129 -8.05 -1.99 -15.93
CA ILE A 129 -8.06 -0.96 -16.96
C ILE A 129 -8.87 -1.26 -18.22
N PRO A 130 -9.76 -0.34 -18.62
CA PRO A 130 -10.58 -0.56 -19.83
C PRO A 130 -9.70 -0.30 -21.05
N LEU A 131 -10.10 -0.77 -22.21
CA LEU A 131 -9.30 -0.57 -23.39
C LEU A 131 -10.08 -0.79 -24.65
N VAL A 132 -9.49 -0.37 -25.77
CA VAL A 132 -10.10 -0.55 -27.08
C VAL A 132 -9.29 -1.64 -27.80
N GLY A 133 -8.01 -1.77 -27.44
CA GLY A 133 -7.17 -2.79 -28.05
C GLY A 133 -5.89 -3.07 -27.27
N PHE A 134 -5.32 -4.23 -27.52
CA PHE A 134 -4.08 -4.65 -26.87
C PHE A 134 -3.35 -5.54 -27.85
N ASN A 135 -2.02 -5.53 -27.80
CA ASN A 135 -1.24 -6.36 -28.71
C ASN A 135 -0.58 -7.54 -28.00
N LYS A 136 0.26 -8.27 -28.73
CA LYS A 136 0.93 -9.44 -28.19
C LYS A 136 1.88 -9.19 -27.04
N ASP A 137 2.31 -7.95 -26.86
CA ASP A 137 3.23 -7.64 -25.78
C ASP A 137 2.54 -6.92 -24.63
N ASN A 138 1.22 -7.06 -24.59
CA ASN A 138 0.36 -6.50 -23.57
C ASN A 138 0.17 -4.99 -23.55
N TYR A 139 0.68 -4.28 -24.54
CA TYR A 139 0.47 -2.84 -24.57
C TYR A 139 -1.01 -2.63 -24.91
N ARG A 140 -1.57 -1.49 -24.54
CA ARG A 140 -2.97 -1.25 -24.82
C ARG A 140 -3.23 0.01 -25.60
N LEU A 141 -4.42 0.05 -26.17
CA LEU A 141 -4.88 1.17 -26.99
C LEU A 141 -6.17 1.75 -26.39
N GLY A 142 -6.16 3.05 -26.09
CA GLY A 142 -7.34 3.69 -25.52
C GLY A 142 -8.04 4.61 -26.49
N PHE A 143 -8.66 5.66 -26.01
CA PHE A 143 -9.34 6.58 -26.91
C PHE A 143 -8.45 7.72 -27.39
N GLY A 144 -7.20 7.74 -26.95
CA GLY A 144 -6.29 8.77 -27.41
C GLY A 144 -5.75 9.81 -26.45
N LYS A 145 -6.56 10.27 -25.51
CA LYS A 145 -6.09 11.30 -24.59
C LYS A 145 -4.88 10.84 -23.81
N GLY A 146 -4.76 9.53 -23.59
CA GLY A 146 -3.63 8.98 -22.86
C GLY A 146 -3.65 9.19 -21.36
N TYR A 147 -4.83 9.19 -20.76
CA TYR A 147 -4.94 9.40 -19.32
C TYR A 147 -4.18 8.34 -18.52
N TYR A 148 -4.43 7.08 -18.82
CA TYR A 148 -3.77 6.00 -18.10
C TYR A 148 -2.26 5.97 -18.24
N ASP A 149 -1.76 6.31 -19.43
CA ASP A 149 -0.31 6.30 -19.63
C ASP A 149 0.34 7.27 -18.67
N ARG A 150 -0.29 8.42 -18.48
CA ARG A 150 0.23 9.42 -17.55
C ARG A 150 0.06 8.96 -16.11
N TYR A 151 -1.14 8.49 -15.76
CA TYR A 151 -1.40 8.06 -14.39
C TYR A 151 -0.60 6.85 -13.90
N LEU A 152 -0.70 5.74 -14.62
CA LEU A 152 -0.02 4.50 -14.24
C LEU A 152 1.50 4.67 -14.03
N MET A 153 2.06 5.73 -14.59
CA MET A 153 3.48 6.00 -14.46
C MET A 153 3.86 6.35 -13.01
N GLN A 154 2.87 6.66 -12.17
CA GLN A 154 3.11 7.02 -10.78
C GLN A 154 3.17 5.84 -9.79
N LEU A 155 2.77 4.65 -10.23
CA LEU A 155 2.78 3.48 -9.36
C LEU A 155 4.19 3.09 -8.92
N THR A 156 4.36 2.84 -7.62
CA THR A 156 5.67 2.47 -7.07
C THR A 156 5.59 1.24 -6.17
N ARG A 157 4.45 0.57 -6.16
CA ARG A 157 4.28 -0.61 -5.32
C ARG A 157 4.14 -1.90 -6.13
N GLN A 158 4.52 -1.85 -7.41
CA GLN A 158 4.43 -3.03 -8.26
C GLN A 158 2.98 -3.54 -8.37
N GLN A 159 2.02 -2.62 -8.33
CA GLN A 159 0.60 -2.98 -8.43
C GLN A 159 0.27 -3.56 -9.79
N PRO A 160 -0.39 -4.73 -9.82
CA PRO A 160 -0.73 -5.34 -11.10
C PRO A 160 -1.51 -4.34 -11.97
N LYS A 161 -1.18 -4.26 -13.26
CA LYS A 161 -1.87 -3.36 -14.18
C LYS A 161 -2.58 -4.28 -15.16
N ILE A 162 -3.85 -4.51 -14.89
CA ILE A 162 -4.66 -5.45 -15.66
C ILE A 162 -5.69 -4.91 -16.64
N GLY A 163 -5.50 -5.22 -17.91
CA GLY A 163 -6.43 -4.78 -18.93
C GLY A 163 -7.62 -5.72 -19.00
N ILE A 164 -8.80 -5.15 -19.19
CA ILE A 164 -10.03 -5.94 -19.28
C ILE A 164 -10.49 -5.88 -20.73
N ALA A 165 -10.73 -7.04 -21.34
CA ALA A 165 -11.14 -7.02 -22.73
C ALA A 165 -11.79 -8.29 -23.29
N TYR A 166 -12.34 -8.14 -24.49
CA TYR A 166 -12.97 -9.24 -25.22
C TYR A 166 -11.86 -9.78 -26.13
N SER A 167 -11.79 -11.10 -26.26
CA SER A 167 -10.75 -11.74 -27.08
C SER A 167 -10.44 -11.04 -28.39
N PHE A 168 -11.48 -10.63 -29.10
CA PHE A 168 -11.31 -9.97 -30.39
C PHE A 168 -10.74 -8.56 -30.34
N GLN A 169 -10.36 -8.11 -29.16
CA GLN A 169 -9.80 -6.77 -29.06
C GLN A 169 -8.30 -6.79 -29.21
N LYS A 170 -7.77 -7.96 -29.58
CA LYS A 170 -6.35 -8.11 -29.81
C LYS A 170 -6.08 -7.40 -31.13
N GLY A 171 -4.95 -6.72 -31.23
CA GLY A 171 -4.65 -6.00 -32.46
C GLY A 171 -3.17 -5.87 -32.65
N ASP A 172 -2.75 -5.69 -33.89
CA ASP A 172 -1.33 -5.58 -34.20
C ASP A 172 -0.87 -4.15 -34.42
N PHE A 173 -0.57 -3.45 -33.34
CA PHE A 173 -0.06 -2.09 -33.43
C PHE A 173 1.22 -2.07 -32.63
N LEU A 174 2.08 -1.09 -32.89
CA LEU A 174 3.34 -0.98 -32.16
C LEU A 174 3.28 0.07 -31.06
N ALA A 175 3.76 -0.30 -29.87
CA ALA A 175 3.74 0.61 -28.74
C ALA A 175 4.63 1.84 -28.92
N ASP A 176 4.16 2.98 -28.43
CA ASP A 176 4.94 4.20 -28.50
C ASP A 176 5.74 4.26 -27.20
N PRO A 177 6.81 5.07 -27.17
CA PRO A 177 7.68 5.22 -25.99
C PRO A 177 7.02 5.59 -24.67
N TRP A 178 5.85 6.21 -24.73
CA TRP A 178 5.15 6.65 -23.52
C TRP A 178 4.09 5.66 -22.99
N ASP A 179 3.86 4.58 -23.73
CA ASP A 179 2.87 3.58 -23.37
C ASP A 179 3.25 2.66 -22.22
N VAL A 180 2.43 2.67 -21.17
CA VAL A 180 2.66 1.80 -20.03
C VAL A 180 2.21 0.42 -20.51
N GLN A 181 3.06 -0.58 -20.29
CA GLN A 181 2.83 -1.94 -20.76
C GLN A 181 1.74 -2.87 -20.24
N LEU A 182 1.30 -2.74 -18.99
CA LEU A 182 0.27 -3.65 -18.49
C LEU A 182 0.83 -5.05 -18.19
N ASP A 183 0.56 -5.53 -16.98
CA ASP A 183 1.03 -6.83 -16.51
C ASP A 183 0.27 -8.02 -17.08
N LEU A 184 -0.97 -7.81 -17.49
CA LEU A 184 -1.77 -8.91 -18.01
C LEU A 184 -3.04 -8.44 -18.73
N ILE A 185 -3.57 -9.30 -19.58
CA ILE A 185 -4.80 -8.99 -20.31
C ILE A 185 -5.83 -10.11 -20.12
N ILE A 186 -6.73 -9.92 -19.17
CA ILE A 186 -7.78 -10.90 -18.89
C ILE A 186 -8.95 -10.74 -19.87
N ASN A 187 -9.17 -11.76 -20.68
CA ASN A 187 -10.26 -11.76 -21.66
C ASN A 187 -11.02 -13.10 -21.66
N ASP A 188 -11.97 -13.25 -22.57
CA ASP A 188 -12.77 -14.47 -22.66
C ASP A 188 -12.02 -15.72 -23.13
N GLU A 189 -10.95 -15.51 -23.91
CA GLU A 189 -10.13 -16.60 -24.45
C GLU A 189 -10.96 -17.59 -25.26
N MET B 26 2.38 15.46 35.03
CA MET B 26 1.89 14.95 33.72
C MET B 26 2.55 15.69 32.55
N ASP B 27 3.58 16.48 32.86
CA ASP B 27 4.29 17.25 31.85
C ASP B 27 5.15 16.37 30.93
N LYS B 28 5.20 16.72 29.65
CA LYS B 28 5.96 15.94 28.68
C LYS B 28 7.44 15.83 29.02
N ASN B 29 8.16 16.95 29.00
CA ASN B 29 9.58 16.91 29.29
C ASN B 29 9.89 16.55 30.74
N ALA B 30 8.90 15.98 31.42
CA ALA B 30 9.07 15.56 32.81
C ALA B 30 9.38 14.09 32.75
N LEU B 31 8.50 13.34 32.10
CA LEU B 31 8.68 11.90 31.94
C LEU B 31 9.87 11.60 31.05
N ARG B 32 10.33 12.59 30.29
CA ARG B 32 11.48 12.40 29.42
C ARG B 32 12.71 12.17 30.29
N LYS B 33 12.58 12.47 31.57
CA LYS B 33 13.66 12.30 32.53
C LYS B 33 13.30 11.09 33.38
N GLN B 34 12.18 11.21 34.11
CA GLN B 34 11.71 10.15 34.99
C GLN B 34 11.75 8.79 34.31
N ILE B 35 11.62 8.77 32.99
CA ILE B 35 11.65 7.50 32.26
C ILE B 35 13.00 7.26 31.61
N LEU B 36 13.58 8.28 30.98
CA LEU B 36 14.89 8.11 30.36
C LEU B 36 15.88 7.87 31.50
N GLN B 37 15.34 7.91 32.72
CA GLN B 37 16.12 7.68 33.93
C GLN B 37 16.31 6.19 34.05
N LYS B 38 15.21 5.51 34.35
CA LYS B 38 15.18 4.08 34.52
C LYS B 38 15.71 3.27 33.35
N ARG B 39 15.47 3.73 32.12
CA ARG B 39 15.91 2.98 30.95
C ARG B 39 17.43 2.91 30.78
N MET B 40 18.11 4.05 30.85
CA MET B 40 19.56 4.05 30.71
C MET B 40 20.23 3.25 31.82
N ALA B 41 19.60 3.25 32.99
CA ALA B 41 20.13 2.54 34.15
C ALA B 41 19.99 1.03 34.06
N LEU B 42 19.07 0.56 33.22
CA LEU B 42 18.83 -0.87 33.05
C LEU B 42 20.10 -1.73 33.08
N SER B 43 19.98 -2.93 33.65
CA SER B 43 21.11 -3.85 33.74
C SER B 43 21.44 -4.43 32.36
N THR B 44 22.60 -5.07 32.25
CA THR B 44 22.99 -5.67 30.99
C THR B 44 22.18 -6.95 30.86
N ILE B 45 21.92 -7.58 32.01
CA ILE B 45 21.15 -8.82 32.07
C ILE B 45 19.65 -8.52 31.96
N GLU B 46 19.21 -7.52 32.71
CA GLU B 46 17.80 -7.11 32.72
C GLU B 46 17.31 -6.71 31.32
N LYS B 47 18.06 -5.84 30.66
CA LYS B 47 17.70 -5.38 29.33
C LYS B 47 17.54 -6.52 28.34
N SER B 48 18.54 -7.39 28.25
CA SER B 48 18.51 -8.51 27.32
C SER B 48 17.36 -9.48 27.60
N HIS B 49 16.99 -9.65 28.86
CA HIS B 49 15.89 -10.56 29.17
C HIS B 49 14.59 -9.99 28.61
N LEU B 50 14.36 -8.71 28.83
CA LEU B 50 13.16 -8.04 28.35
C LEU B 50 13.12 -7.97 26.82
N ASP B 51 14.28 -7.70 26.22
CA ASP B 51 14.37 -7.61 24.78
C ASP B 51 13.94 -8.91 24.11
N GLN B 52 14.27 -10.04 24.73
CA GLN B 52 13.90 -11.34 24.18
C GLN B 52 12.38 -11.48 24.21
N LYS B 53 11.78 -11.20 25.36
CA LYS B 53 10.33 -11.30 25.50
C LYS B 53 9.63 -10.49 24.42
N ILE B 54 10.09 -9.25 24.28
CA ILE B 54 9.53 -8.32 23.31
C ILE B 54 9.73 -8.77 21.87
N ASN B 55 10.94 -9.18 21.51
CA ASN B 55 11.22 -9.65 20.16
C ASN B 55 10.37 -10.86 19.80
N GLN B 56 10.02 -11.65 20.81
CA GLN B 56 9.18 -12.82 20.57
C GLN B 56 7.79 -12.36 20.17
N LYS B 57 7.32 -11.30 20.82
CA LYS B 57 6.01 -10.78 20.52
C LYS B 57 5.97 -10.25 19.08
N LEU B 58 7.02 -9.53 18.70
CA LEU B 58 7.11 -8.99 17.35
C LEU B 58 6.89 -10.09 16.32
N VAL B 59 7.65 -11.17 16.46
CA VAL B 59 7.54 -12.31 15.57
C VAL B 59 6.11 -12.83 15.59
N ALA B 60 5.51 -12.85 16.78
CA ALA B 60 4.13 -13.32 16.91
C ALA B 60 3.18 -12.37 16.18
N PHE B 61 3.45 -11.08 16.30
CA PHE B 61 2.64 -10.05 15.65
C PHE B 61 2.65 -10.10 14.13
N LEU B 62 3.82 -10.37 13.57
CA LEU B 62 4.00 -10.39 12.12
C LEU B 62 3.71 -11.69 11.42
N THR B 63 3.64 -12.78 12.16
CA THR B 63 3.40 -14.07 11.54
C THR B 63 2.12 -14.10 10.71
N PRO B 64 0.98 -13.71 11.28
CA PRO B 64 -0.27 -13.74 10.52
C PRO B 64 -0.53 -12.56 9.57
N LYS B 65 0.48 -11.72 9.32
CA LYS B 65 0.31 -10.57 8.44
C LYS B 65 1.26 -10.62 7.25
N PRO B 66 0.98 -11.52 6.30
CA PRO B 66 1.83 -11.67 5.12
C PRO B 66 1.87 -10.49 4.16
N CYS B 67 0.98 -9.51 4.35
CA CYS B 67 0.98 -8.38 3.44
C CYS B 67 2.04 -7.37 3.81
N ILE B 68 2.66 -7.54 4.96
CA ILE B 68 3.72 -6.65 5.38
C ILE B 68 5.03 -7.10 4.73
N LYS B 69 5.38 -6.42 3.64
CA LYS B 69 6.60 -6.77 2.90
C LYS B 69 7.75 -5.81 3.10
N THR B 70 7.44 -4.57 3.47
CA THR B 70 8.47 -3.57 3.75
C THR B 70 8.17 -2.99 5.14
N ILE B 71 9.11 -3.14 6.07
CA ILE B 71 8.90 -2.70 7.45
C ILE B 71 9.95 -1.72 7.94
N ALA B 72 9.49 -0.71 8.66
CA ALA B 72 10.40 0.29 9.19
C ALA B 72 10.84 -0.10 10.60
N LEU B 73 12.14 -0.06 10.81
CA LEU B 73 12.72 -0.36 12.12
C LEU B 73 13.46 0.90 12.54
N TYR B 74 14.46 0.74 13.39
CA TYR B 74 15.24 1.87 13.86
C TYR B 74 16.52 1.32 14.48
N GLU B 75 17.50 2.18 14.73
CA GLU B 75 18.75 1.75 15.32
C GLU B 75 18.83 2.10 16.80
N PRO B 76 18.73 1.09 17.68
CA PRO B 76 18.77 1.27 19.13
C PRO B 76 19.89 2.22 19.51
N ILE B 77 19.57 3.23 20.30
CA ILE B 77 20.56 4.20 20.69
C ILE B 77 20.79 4.29 22.21
N LYS B 78 20.06 5.17 22.90
CA LYS B 78 20.22 5.36 24.34
C LYS B 78 19.53 4.32 25.23
N ASN B 79 19.90 3.06 25.03
CA ASN B 79 19.34 1.93 25.79
C ASN B 79 17.89 1.61 25.43
N GLU B 80 17.54 1.82 24.16
CA GLU B 80 16.20 1.54 23.65
C GLU B 80 16.08 0.05 23.41
N VAL B 81 14.85 -0.45 23.32
CA VAL B 81 14.64 -1.87 23.06
C VAL B 81 15.48 -2.23 21.84
N THR B 82 16.09 -3.41 21.88
CA THR B 82 16.93 -3.82 20.76
C THR B 82 16.30 -4.90 19.92
N PHE B 83 16.57 -4.85 18.61
CA PHE B 83 16.05 -5.88 17.71
C PHE B 83 17.13 -6.94 17.67
N VAL B 84 16.80 -8.11 18.19
CA VAL B 84 17.72 -9.23 18.29
C VAL B 84 17.84 -10.08 17.01
N ASP B 85 18.83 -10.96 17.00
CA ASP B 85 19.13 -11.83 15.87
C ASP B 85 18.00 -12.70 15.30
N PHE B 86 17.25 -13.40 16.15
CA PHE B 86 16.19 -14.26 15.64
C PHE B 86 15.02 -13.48 15.06
N PHE B 87 15.01 -12.18 15.31
CA PHE B 87 13.96 -11.33 14.76
C PHE B 87 14.33 -11.07 13.32
N PHE B 88 15.56 -10.61 13.11
CA PHE B 88 16.06 -10.32 11.78
C PHE B 88 16.05 -11.57 10.90
N GLU B 89 16.16 -12.74 11.51
CA GLU B 89 16.16 -13.97 10.74
C GLU B 89 14.74 -14.23 10.24
N PHE B 90 13.76 -13.89 11.07
CA PHE B 90 12.35 -14.08 10.72
C PHE B 90 12.06 -13.24 9.48
N LEU B 91 12.53 -11.99 9.51
CA LEU B 91 12.34 -11.08 8.39
C LEU B 91 13.03 -11.61 7.13
N LYS B 92 14.26 -12.08 7.30
CA LYS B 92 15.05 -12.61 6.20
C LYS B 92 14.36 -13.79 5.53
N ILE B 93 13.90 -14.74 6.34
CA ILE B 93 13.27 -15.91 5.78
C ILE B 93 11.89 -15.67 5.15
N ASN B 94 11.22 -14.59 5.55
CA ASN B 94 9.91 -14.29 4.98
C ASN B 94 9.98 -13.19 3.93
N GLN B 95 11.20 -12.87 3.52
CA GLN B 95 11.46 -11.86 2.51
C GLN B 95 10.84 -10.49 2.81
N ILE B 96 10.92 -10.08 4.07
CA ILE B 96 10.39 -8.79 4.49
C ILE B 96 11.58 -7.84 4.54
N ARG B 97 11.53 -6.81 3.70
CA ARG B 97 12.60 -5.81 3.64
C ARG B 97 12.53 -4.79 4.79
N ALA B 98 13.68 -4.53 5.41
CA ALA B 98 13.77 -3.60 6.50
C ALA B 98 14.29 -2.26 6.01
N VAL B 99 13.70 -1.17 6.51
CA VAL B 99 14.12 0.18 6.16
C VAL B 99 14.38 0.93 7.46
N TYR B 100 15.28 1.91 7.43
CA TYR B 100 15.61 2.65 8.63
C TYR B 100 15.55 4.15 8.42
N PRO B 101 15.36 4.91 9.51
CA PRO B 101 15.27 6.36 9.41
C PRO B 101 16.62 7.09 9.32
N LYS B 102 16.62 8.22 8.62
CA LYS B 102 17.78 9.06 8.44
C LYS B 102 17.29 10.50 8.46
N VAL B 103 17.93 11.34 9.27
CA VAL B 103 17.52 12.73 9.38
C VAL B 103 18.14 13.56 8.24
N ILE B 104 17.33 14.46 7.66
CA ILE B 104 17.81 15.31 6.57
C ILE B 104 17.82 16.77 7.00
N SER B 105 16.90 17.13 7.89
CA SER B 105 16.83 18.49 8.39
C SER B 105 16.54 18.40 9.87
N ASP B 106 16.30 19.55 10.50
CA ASP B 106 16.01 19.54 11.92
C ASP B 106 14.54 19.18 12.14
N THR B 107 13.85 18.87 11.06
CA THR B 107 12.45 18.49 11.16
C THR B 107 12.03 17.31 10.30
N GLU B 108 12.86 16.92 9.33
CA GLU B 108 12.50 15.81 8.47
C GLU B 108 13.35 14.56 8.61
N ILE B 109 12.72 13.44 8.32
CA ILE B 109 13.37 12.15 8.39
C ILE B 109 12.83 11.33 7.23
N ILE B 110 13.69 10.51 6.64
CA ILE B 110 13.27 9.67 5.53
C ILE B 110 13.68 8.25 5.87
N PHE B 111 13.22 7.29 5.07
CA PHE B 111 13.57 5.91 5.30
C PHE B 111 14.30 5.30 4.10
N ILE B 112 15.31 4.48 4.39
CA ILE B 112 16.11 3.82 3.36
C ILE B 112 16.39 2.36 3.69
N ASP B 113 16.75 1.57 2.67
CA ASP B 113 17.06 0.16 2.88
C ASP B 113 18.57 0.00 2.99
N GLN B 114 19.05 -1.23 3.11
CA GLN B 114 20.50 -1.46 3.23
C GLN B 114 21.30 -0.84 2.08
N GLU B 115 20.76 -0.92 0.87
CA GLU B 115 21.42 -0.36 -0.31
C GLU B 115 21.14 1.13 -0.45
N THR B 116 20.91 1.80 0.68
CA THR B 116 20.64 3.24 0.72
C THR B 116 19.46 3.74 -0.14
N ASN B 117 18.69 2.82 -0.70
CA ASN B 117 17.54 3.21 -1.53
C ASN B 117 16.43 3.80 -0.64
N THR B 118 15.95 4.99 -1.02
CA THR B 118 14.90 5.67 -0.26
C THR B 118 13.51 5.14 -0.60
N PHE B 119 12.73 4.88 0.45
CA PHE B 119 11.38 4.37 0.32
C PHE B 119 10.40 5.45 0.77
N GLU B 120 9.37 5.69 -0.03
CA GLU B 120 8.39 6.70 0.32
C GLU B 120 7.47 6.17 1.42
N PRO B 121 6.82 7.08 2.16
CA PRO B 121 5.92 6.70 3.25
C PRO B 121 4.97 5.54 2.94
N ASN B 122 4.29 5.59 1.80
CA ASN B 122 3.36 4.53 1.44
C ASN B 122 3.97 3.38 0.65
N GLN B 123 5.27 3.20 0.80
CA GLN B 123 5.98 2.08 0.19
C GLN B 123 6.29 1.15 1.35
N ILE B 124 6.11 1.67 2.55
CA ILE B 124 6.36 0.91 3.78
C ILE B 124 4.99 0.43 4.29
N ASP B 125 4.95 -0.80 4.78
CA ASP B 125 3.69 -1.38 5.26
C ASP B 125 3.51 -1.42 6.75
N CYS B 126 4.57 -1.19 7.51
CA CYS B 126 4.47 -1.24 8.95
C CYS B 126 5.60 -0.44 9.58
N PHE B 127 5.32 0.16 10.74
CA PHE B 127 6.30 0.97 11.43
C PHE B 127 6.48 0.59 12.90
N LEU B 128 7.70 0.19 13.23
CA LEU B 128 8.06 -0.17 14.60
C LEU B 128 8.80 1.08 15.03
N ILE B 129 8.17 1.80 15.94
CA ILE B 129 8.66 3.08 16.43
C ILE B 129 9.29 3.12 17.81
N PRO B 130 10.50 3.71 17.91
CA PRO B 130 11.20 3.81 19.20
C PRO B 130 10.55 4.93 20.01
N LEU B 131 10.62 4.85 21.34
CA LEU B 131 10.03 5.87 22.18
C LEU B 131 10.68 6.02 23.55
N VAL B 132 10.28 7.07 24.26
CA VAL B 132 10.78 7.32 25.60
C VAL B 132 9.61 7.11 26.55
N GLY B 133 8.39 7.22 26.03
CA GLY B 133 7.22 7.02 26.85
C GLY B 133 5.92 6.94 26.09
N PHE B 134 4.92 6.28 26.68
CA PHE B 134 3.60 6.15 26.07
C PHE B 134 2.54 6.15 27.16
N ASN B 135 1.37 6.70 26.87
CA ASN B 135 0.30 6.75 27.87
C ASN B 135 -0.79 5.72 27.63
N LYS B 136 -1.84 5.79 28.44
CA LYS B 136 -2.95 4.85 28.35
C LYS B 136 -3.74 4.89 27.05
N ASP B 137 -3.61 5.96 26.28
CA ASP B 137 -4.34 6.05 25.02
C ASP B 137 -3.45 5.81 23.80
N ASN B 138 -2.28 5.25 24.07
CA ASN B 138 -1.29 4.91 23.05
C ASN B 138 -0.51 6.06 22.40
N TYR B 139 -0.57 7.24 22.97
CA TYR B 139 0.22 8.34 22.41
C TYR B 139 1.62 8.12 22.92
N ARG B 140 2.61 8.58 22.17
CA ARG B 140 3.99 8.38 22.57
C ARG B 140 4.77 9.67 22.82
N LEU B 141 5.89 9.53 23.52
CA LEU B 141 6.78 10.63 23.86
C LEU B 141 8.15 10.32 23.25
N GLY B 142 8.73 11.27 22.52
CA GLY B 142 10.03 11.06 21.92
C GLY B 142 11.09 11.98 22.51
N PHE B 143 12.11 12.31 21.73
CA PHE B 143 13.15 13.18 22.25
C PHE B 143 12.88 14.68 22.06
N GLY B 144 11.70 15.01 21.54
CA GLY B 144 11.34 16.41 21.40
C GLY B 144 11.31 17.08 20.03
N LYS B 145 12.15 16.64 19.10
CA LYS B 145 12.16 17.26 17.78
C LYS B 145 10.86 17.00 17.04
N GLY B 146 10.19 15.88 17.35
CA GLY B 146 8.93 15.56 16.69
C GLY B 146 9.01 15.01 15.27
N TYR B 147 10.11 14.35 14.93
CA TYR B 147 10.30 13.77 13.60
C TYR B 147 9.20 12.81 13.20
N TYR B 148 8.82 11.91 14.10
CA TYR B 148 7.77 10.94 13.80
C TYR B 148 6.38 11.58 13.66
N ASP B 149 6.03 12.50 14.53
CA ASP B 149 4.71 13.14 14.44
C ASP B 149 4.56 13.73 13.04
N ARG B 150 5.60 14.39 12.56
CA ARG B 150 5.57 14.98 11.23
C ARG B 150 5.55 13.89 10.15
N TYR B 151 6.44 12.93 10.26
CA TYR B 151 6.50 11.87 9.25
C TYR B 151 5.24 11.02 9.19
N LEU B 152 4.87 10.39 10.31
CA LEU B 152 3.70 9.51 10.36
C LEU B 152 2.37 10.08 9.84
N MET B 153 2.26 11.41 9.83
CA MET B 153 1.06 12.06 9.36
C MET B 153 0.83 11.80 7.86
N GLN B 154 1.88 11.34 7.17
CA GLN B 154 1.81 11.06 5.73
C GLN B 154 1.24 9.68 5.35
N LEU B 155 1.03 8.81 6.34
CA LEU B 155 0.51 7.47 6.06
C LEU B 155 -0.94 7.46 5.62
N THR B 156 -1.21 6.79 4.50
CA THR B 156 -2.55 6.73 3.94
C THR B 156 -3.04 5.32 3.64
N ARG B 157 -2.26 4.31 4.01
CA ARG B 157 -2.66 2.95 3.74
C ARG B 157 -3.05 2.22 5.01
N GLN B 158 -3.32 2.98 6.08
CA GLN B 158 -3.70 2.38 7.35
C GLN B 158 -2.59 1.50 7.92
N GLN B 159 -1.33 1.76 7.57
CA GLN B 159 -0.21 0.94 8.06
C GLN B 159 -0.11 0.96 9.58
N PRO B 160 0.09 -0.21 10.18
CA PRO B 160 0.19 -0.25 11.65
C PRO B 160 1.31 0.66 12.16
N LYS B 161 1.02 1.46 13.17
CA LYS B 161 2.01 2.33 13.78
C LYS B 161 2.20 1.71 15.15
N ILE B 162 3.31 0.99 15.28
CA ILE B 162 3.62 0.22 16.48
C ILE B 162 4.80 0.68 17.33
N GLY B 163 4.49 1.10 18.55
CA GLY B 163 5.55 1.54 19.44
C GLY B 163 6.25 0.35 20.10
N ILE B 164 7.56 0.45 20.25
CA ILE B 164 8.38 -0.59 20.84
C ILE B 164 8.87 -0.12 22.21
N ALA B 165 8.52 -0.84 23.26
CA ALA B 165 8.94 -0.39 24.58
C ALA B 165 9.05 -1.42 25.70
N TYR B 166 9.60 -0.94 26.81
CA TYR B 166 9.74 -1.73 28.02
C TYR B 166 8.51 -1.32 28.83
N SER B 167 7.89 -2.28 29.53
CA SER B 167 6.69 -2.02 30.32
C SER B 167 6.73 -0.79 31.23
N PHE B 168 7.89 -0.47 31.78
CA PHE B 168 8.01 0.68 32.68
C PHE B 168 8.05 2.00 31.96
N GLN B 169 7.93 1.98 30.64
CA GLN B 169 7.97 3.23 29.90
C GLN B 169 6.60 3.86 29.79
N LYS B 170 5.63 3.25 30.46
CA LYS B 170 4.27 3.79 30.48
C LYS B 170 4.34 5.07 31.30
N GLY B 171 3.52 6.06 30.95
CA GLY B 171 3.55 7.30 31.68
C GLY B 171 2.24 8.04 31.57
N ASP B 172 2.02 9.00 32.47
CA ASP B 172 0.79 9.76 32.48
C ASP B 172 0.98 11.19 31.99
N PHE B 173 1.14 11.36 30.68
CA PHE B 173 1.27 12.70 30.12
C PHE B 173 0.08 12.86 29.18
N LEU B 174 -0.29 14.09 28.85
CA LEU B 174 -1.41 14.26 27.93
C LEU B 174 -0.91 14.61 26.53
N ALA B 175 -1.54 14.02 25.52
CA ALA B 175 -1.16 14.23 24.13
C ALA B 175 -1.54 15.59 23.57
N ASP B 176 -0.58 16.22 22.88
CA ASP B 176 -0.79 17.51 22.23
C ASP B 176 -1.55 17.25 20.92
N PRO B 177 -2.17 18.29 20.33
CA PRO B 177 -2.93 18.16 19.08
C PRO B 177 -2.19 17.62 17.85
N TRP B 178 -0.88 17.77 17.83
CA TRP B 178 -0.06 17.31 16.70
C TRP B 178 0.53 15.91 16.90
N ASP B 179 0.17 15.24 17.98
CA ASP B 179 0.70 13.91 18.24
C ASP B 179 -0.03 12.82 17.48
N VAL B 180 0.72 11.99 16.78
CA VAL B 180 0.14 10.87 16.03
C VAL B 180 0.01 9.77 17.06
N GLN B 181 -1.21 9.25 17.20
CA GLN B 181 -1.58 8.24 18.19
C GLN B 181 -0.98 6.82 18.28
N LEU B 182 -0.54 6.23 17.18
CA LEU B 182 -0.01 4.85 17.27
C LEU B 182 -1.13 3.85 17.50
N ASP B 183 -1.07 2.73 16.78
CA ASP B 183 -2.11 1.71 16.88
C ASP B 183 -1.93 0.68 18.00
N LEU B 184 -0.73 0.58 18.54
CA LEU B 184 -0.48 -0.41 19.58
C LEU B 184 0.91 -0.23 20.18
N ILE B 185 1.07 -0.61 21.44
CA ILE B 185 2.37 -0.51 22.10
C ILE B 185 2.81 -1.91 22.54
N ILE B 186 3.79 -2.47 21.83
CA ILE B 186 4.30 -3.80 22.17
C ILE B 186 5.42 -3.68 23.21
N ASN B 187 5.24 -4.37 24.33
CA ASN B 187 6.22 -4.35 25.43
C ASN B 187 6.30 -5.71 26.15
N ASP B 188 7.19 -5.80 27.15
CA ASP B 188 7.38 -7.04 27.90
C ASP B 188 6.16 -7.50 28.69
N GLU B 189 5.34 -6.54 29.12
CA GLU B 189 4.12 -6.83 29.90
C GLU B 189 4.42 -7.54 31.22
P PO4 C . -6.87 6.64 -22.05
O1 PO4 C . -6.69 8.06 -22.42
O2 PO4 C . -6.59 5.79 -23.23
O3 PO4 C . -5.94 6.29 -20.95
O4 PO4 C . -8.27 6.43 -21.60
MG MG D . -1.12 4.29 -25.25
PB ADP E . -4.09 5.98 -25.74
O1B ADP E . -5.39 6.54 -25.32
O2B ADP E . -4.24 4.81 -26.84
O3B ADP E . -3.30 5.48 -24.57
PA ADP E . -1.88 7.24 -27.11
O1A ADP E . -0.92 6.43 -26.35
O2A ADP E . -1.92 6.82 -28.52
O3A ADP E . -3.32 7.11 -26.48
O5' ADP E . -1.59 8.79 -26.96
C5' ADP E . -1.52 9.39 -25.66
C4' ADP E . -1.15 10.86 -25.78
O4' ADP E . -0.78 11.28 -24.46
C3' ADP E . 0.07 11.12 -26.67
O3' ADP E . -0.09 12.31 -27.46
C2' ADP E . 1.25 11.30 -25.71
O2' ADP E . 2.27 12.18 -26.21
C1' ADP E . 0.59 11.75 -24.42
N9 ADP E . 1.28 11.14 -23.24
C8 ADP E . 1.11 9.87 -22.81
N7 ADP E . 1.87 9.65 -21.74
C5 ADP E . 2.53 10.74 -21.47
C6 ADP E . 3.46 11.13 -20.50
N6 ADP E . 3.85 10.25 -19.56
N1 ADP E . 3.98 12.40 -20.50
C2 ADP E . 3.60 13.32 -21.43
N3 ADP E . 2.70 12.96 -22.38
C4 ADP E . 2.16 11.72 -22.43
P PO4 F . 11.31 12.10 17.77
O1 PO4 F . 12.05 11.06 18.54
O2 PO4 F . 10.88 13.19 18.68
O3 PO4 F . 12.19 12.65 16.73
O4 PO4 F . 10.12 11.49 17.14
MG MG G . 4.67 13.91 20.33
PB ADP H . 7.87 14.24 20.84
O1B ADP H . 7.04 13.60 19.77
O2B ADP H . 9.47 13.98 20.64
O3B ADP H . 7.47 13.78 22.18
PA ADP H . 6.60 16.82 20.95
O1A ADP H . 5.36 16.31 20.32
O2A ADP H . 6.40 17.03 22.40
O3A ADP H . 7.75 15.77 20.69
O5' ADP H . 7.15 18.11 20.23
C5' ADP H . 7.40 18.05 18.82
C4' ADP H . 7.70 19.45 18.28
O4' ADP H . 7.65 19.33 16.85
C3' ADP H . 6.62 20.47 18.67
O3' ADP H . 7.21 21.69 19.12
C2' ADP H . 5.79 20.72 17.41
O2' ADP H . 5.39 22.09 17.25
C1' ADP H . 6.62 20.14 16.28
N9 ADP H . 5.75 19.31 15.39
C8 ADP H . 5.39 18.04 15.64
N7 ADP H . 4.61 17.61 14.66
C5 ADP H . 4.47 18.58 13.79
C6 ADP H . 3.79 18.74 12.58
N6 ADP H . 3.05 17.73 12.06
N1 ADP H . 3.88 19.92 11.91
C2 ADP H . 4.61 20.95 12.38
N3 ADP H . 5.26 20.80 13.54
C4 ADP H . 5.22 19.66 14.26
#